data_5LMZ
#
_entry.id   5LMZ
#
_cell.length_a   125.920
_cell.length_b   125.920
_cell.length_c   125.920
_cell.angle_alpha   90.00
_cell.angle_beta   90.00
_cell.angle_gamma   90.00
#
_symmetry.space_group_name_H-M   'P 21 3'
#
loop_
_entity.id
_entity.type
_entity.pdbx_description
1 polymer Fluorinase
2 non-polymer 1-DEAZA-ADENOSINE
3 non-polymer 'CHLORIDE ION'
4 non-polymer GLYCEROL
5 water water
#
_entity_poly.entity_id   1
_entity_poly.type   'polypeptide(L)'
_entity_poly.pdbx_seq_one_letter_code
;GAMVAANGSQRPIIAFMSDLGTTDDSVAQCKGLMHSICPGVTVVDVCHSMTPWDVEEGARYIVDLPRFFPEGTVFATTTY
PATGTTTRSVAVRIRQAAKGGARGQWAGSGDGFERADGSYIYIAPNNGLLTTVLEEHGYIEAYEVTSTKVIPANPEPTFY
SREMVAIPSAHLAAGFPLAEVGRRLDDSEIVRFHRPAVEISGEALSGVVTAIDHPFGNIWTNIHRTDLEKAGIGQGKHLK
IILDDVLPFEAPLTPTFADAGAIGNIAFYLNSRGYLSLARNAASLAYPYNLKAGLKVRVEAR
;
_entity_poly.pdbx_strand_id   A,B
#
# COMPACT_ATOMS: atom_id res chain seq x y z
N ARG A 11 9.48 47.60 1.64
CA ARG A 11 8.36 46.82 2.16
C ARG A 11 8.57 45.32 1.94
N PRO A 12 9.29 44.67 2.87
CA PRO A 12 9.81 43.30 2.73
C PRO A 12 8.73 42.23 2.66
N ILE A 13 8.97 41.19 1.88
CA ILE A 13 8.06 40.06 1.83
C ILE A 13 8.75 38.74 2.19
N ILE A 14 8.05 37.93 2.97
CA ILE A 14 8.45 36.56 3.20
C ILE A 14 7.36 35.66 2.63
N ALA A 15 7.72 34.85 1.63
CA ALA A 15 6.82 33.79 1.17
C ALA A 15 7.10 32.54 2.03
N PHE A 16 6.05 31.98 2.64
CA PHE A 16 6.21 30.95 3.66
C PHE A 16 5.56 29.63 3.24
N MET A 17 6.35 28.57 3.16
CA MET A 17 5.86 27.24 2.79
C MET A 17 6.30 26.26 3.88
N SER A 18 5.37 25.48 4.41
CA SER A 18 5.73 24.53 5.45
C SER A 18 4.85 23.29 5.45
N ASP A 19 5.15 22.37 6.35
CA ASP A 19 4.35 21.18 6.57
C ASP A 19 3.63 21.28 7.92
N LEU A 20 3.52 22.52 8.43
CA LEU A 20 2.99 22.75 9.78
C LEU A 20 1.47 22.65 9.86
N GLY A 21 0.81 22.71 8.70
CA GLY A 21 -0.63 22.48 8.67
C GLY A 21 -1.40 23.74 9.00
N THR A 22 -2.72 23.57 9.12
CA THR A 22 -3.62 24.69 9.33
C THR A 22 -4.62 24.41 10.45
N THR A 23 -4.25 23.53 11.38
CA THR A 23 -5.15 23.13 12.48
C THR A 23 -4.63 23.48 13.86
N ASP A 24 -3.66 24.38 13.93
CA ASP A 24 -3.17 24.85 15.23
C ASP A 24 -2.44 26.17 15.08
N ASP A 25 -1.74 26.58 16.14
CA ASP A 25 -1.19 27.93 16.22
C ASP A 25 0.23 28.00 15.68
N SER A 26 0.73 26.88 15.17
CA SER A 26 2.14 26.77 14.80
C SER A 26 2.56 27.79 13.77
N VAL A 27 1.82 27.91 12.70
CA VAL A 27 2.20 28.86 11.67
C VAL A 27 2.13 30.27 12.23
N ALA A 28 1.13 30.52 13.07
CA ALA A 28 0.95 31.85 13.67
C ALA A 28 2.10 32.24 14.59
N GLN A 29 2.59 31.31 15.38
CA GLN A 29 3.77 31.54 16.21
C GLN A 29 4.92 32.08 15.34
N CYS A 30 5.14 31.42 14.19
CA CYS A 30 6.22 31.78 13.30
C CYS A 30 5.98 33.19 12.78
N LYS A 31 4.80 33.44 12.26
CA LYS A 31 4.47 34.77 11.72
C LYS A 31 4.64 35.87 12.76
N GLY A 32 4.21 35.60 13.99
CA GLY A 32 4.36 36.55 15.07
C GLY A 32 5.80 37.00 15.19
N LEU A 33 6.72 36.04 15.16
CA LEU A 33 8.15 36.35 15.24
C LEU A 33 8.61 37.13 14.01
N MET A 34 8.21 36.67 12.83
CA MET A 34 8.58 37.36 11.59
C MET A 34 8.28 38.86 11.69
N HIS A 35 7.09 39.19 12.19
CA HIS A 35 6.69 40.58 12.35
C HIS A 35 7.50 41.26 13.44
N SER A 36 7.76 40.52 14.52
CA SER A 36 8.53 41.04 15.65
C SER A 36 9.88 41.51 15.14
N ILE A 37 10.45 40.72 14.23
CA ILE A 37 11.82 40.92 13.82
C ILE A 37 11.89 41.90 12.67
N CYS A 38 11.03 41.70 11.68
CA CYS A 38 10.97 42.58 10.52
C CYS A 38 9.64 43.32 10.49
N PRO A 39 9.50 44.37 11.32
CA PRO A 39 8.24 45.12 11.35
C PRO A 39 7.89 45.65 9.97
N GLY A 40 6.62 45.56 9.57
CA GLY A 40 6.21 46.05 8.28
C GLY A 40 6.36 44.96 7.24
N VAL A 41 6.78 43.77 7.69
CA VAL A 41 6.93 42.66 6.75
C VAL A 41 5.56 42.13 6.38
N THR A 42 5.42 41.74 5.13
CA THR A 42 4.23 41.03 4.67
C THR A 42 4.58 39.57 4.44
N VAL A 43 3.81 38.68 5.06
CA VAL A 43 4.03 37.25 4.91
C VAL A 43 3.03 36.64 3.95
N VAL A 44 3.52 36.10 2.86
CA VAL A 44 2.66 35.48 1.86
C VAL A 44 2.68 33.97 2.04
N ASP A 45 1.55 33.41 2.46
CA ASP A 45 1.42 31.96 2.62
C ASP A 45 1.45 31.31 1.25
N VAL A 46 2.39 30.38 1.05
CA VAL A 46 2.35 29.56 -0.15
C VAL A 46 1.41 28.40 0.09
N CYS A 47 1.85 27.45 0.92
CA CYS A 47 1.00 26.34 1.33
CA CYS A 47 1.05 26.29 1.28
C CYS A 47 1.56 25.75 2.62
N HIS A 48 0.68 25.21 3.44
CA HIS A 48 1.09 24.62 4.70
C HIS A 48 0.48 23.25 4.83
N SER A 49 0.06 22.70 3.70
CA SER A 49 -0.73 21.48 3.68
CA SER A 49 -0.74 21.48 3.67
C SER A 49 0.02 20.30 3.06
N MET A 50 1.27 20.54 2.65
CA MET A 50 2.07 19.49 2.04
C MET A 50 2.14 18.26 2.93
N THR A 51 2.38 17.12 2.29
CA THR A 51 2.64 15.88 3.01
C THR A 51 3.96 16.01 3.80
N PRO A 52 3.90 15.89 5.13
CA PRO A 52 5.08 16.11 5.97
C PRO A 52 6.24 15.21 5.59
N TRP A 53 7.46 15.75 5.60
CA TRP A 53 8.68 14.97 5.37
C TRP A 53 8.86 14.58 3.90
N ASP A 54 7.88 14.93 3.07
CA ASP A 54 7.93 14.64 1.63
C ASP A 54 8.65 15.79 0.91
N VAL A 55 9.98 15.71 0.94
CA VAL A 55 10.83 16.81 0.46
C VAL A 55 10.53 17.13 -1.00
N GLU A 56 10.32 16.11 -1.81
CA GLU A 56 10.16 16.30 -3.26
C GLU A 56 8.83 16.97 -3.59
N GLU A 57 7.87 16.84 -2.68
CA GLU A 57 6.58 17.50 -2.86
C GLU A 57 6.73 18.97 -2.52
N GLY A 58 7.52 19.25 -1.48
CA GLY A 58 7.71 20.62 -1.03
C GLY A 58 8.51 21.43 -2.01
N ALA A 59 9.46 20.76 -2.67
CA ALA A 59 10.32 21.41 -3.67
C ALA A 59 9.48 21.90 -4.84
N ARG A 60 8.41 21.17 -5.11
CA ARG A 60 7.55 21.45 -6.24
CA ARG A 60 7.55 21.47 -6.25
C ARG A 60 6.74 22.74 -6.02
N TYR A 61 6.43 23.03 -4.76
CA TYR A 61 5.65 24.21 -4.40
C TYR A 61 6.47 25.48 -4.35
N ILE A 62 7.79 25.37 -4.34
CA ILE A 62 8.63 26.54 -4.13
C ILE A 62 9.51 26.86 -5.32
N VAL A 63 9.63 25.91 -6.25
CA VAL A 63 10.64 26.03 -7.29
C VAL A 63 10.31 27.12 -8.31
N ASP A 64 9.03 27.41 -8.51
CA ASP A 64 8.61 28.33 -9.57
C ASP A 64 8.15 29.68 -9.04
N LEU A 65 8.47 30.00 -7.80
CA LEU A 65 7.91 31.20 -7.17
C LEU A 65 8.61 32.52 -7.56
N PRO A 66 9.94 32.51 -7.68
CA PRO A 66 10.68 33.78 -7.69
C PRO A 66 10.19 34.84 -8.69
N ARG A 67 9.88 34.44 -9.93
CA ARG A 67 9.51 35.42 -10.95
C ARG A 67 8.18 36.12 -10.66
N PHE A 68 7.38 35.55 -9.76
CA PHE A 68 6.08 36.11 -9.41
C PHE A 68 6.18 37.11 -8.28
N PHE A 69 7.31 37.12 -7.57
CA PHE A 69 7.45 37.96 -6.38
C PHE A 69 8.38 39.14 -6.62
N PRO A 70 8.19 40.21 -5.84
CA PRO A 70 9.10 41.36 -5.95
C PRO A 70 10.51 40.96 -5.58
N GLU A 71 11.47 41.63 -6.19
CA GLU A 71 12.87 41.44 -5.86
C GLU A 71 13.07 41.73 -4.36
N GLY A 72 13.83 40.88 -3.71
CA GLY A 72 14.11 41.02 -2.29
C GLY A 72 13.30 40.04 -1.48
N THR A 73 12.38 39.34 -2.13
CA THR A 73 11.53 38.42 -1.39
C THR A 73 12.40 37.30 -0.79
N VAL A 74 12.15 36.99 0.46
CA VAL A 74 12.81 35.89 1.13
C VAL A 74 11.87 34.71 1.19
N PHE A 75 12.37 33.54 0.77
CA PHE A 75 11.58 32.32 0.73
C PHE A 75 11.91 31.42 1.90
N ALA A 76 10.95 31.32 2.82
CA ALA A 76 11.06 30.49 4.01
C ALA A 76 10.32 29.19 3.73
N THR A 77 11.08 28.11 3.49
CA THR A 77 10.49 26.85 3.04
C THR A 77 10.98 25.71 3.92
N THR A 78 10.06 24.97 4.53
CA THR A 78 10.49 24.05 5.57
C THR A 78 9.61 22.84 5.81
N THR A 79 10.22 21.67 5.63
CA THR A 79 9.81 20.43 6.30
C THR A 79 11.08 19.91 7.03
N TYR A 80 10.99 19.67 8.32
CA TYR A 80 12.19 19.53 9.15
C TYR A 80 12.14 18.31 10.05
N PRO A 81 11.99 17.11 9.46
CA PRO A 81 11.97 15.84 10.19
C PRO A 81 13.24 15.62 11.04
N ALA A 82 14.37 16.20 10.65
CA ALA A 82 15.59 16.09 11.46
C ALA A 82 15.71 17.27 12.43
N THR A 83 14.60 17.96 12.69
CA THR A 83 14.58 19.01 13.69
C THR A 83 15.19 18.50 15.00
N GLY A 84 15.93 19.35 15.69
CA GLY A 84 16.46 19.01 16.99
C GLY A 84 17.78 18.25 16.94
N THR A 85 18.34 18.12 15.74
CA THR A 85 19.61 17.42 15.57
C THR A 85 20.71 18.38 15.19
N THR A 86 21.88 17.82 14.87
CA THR A 86 23.05 18.61 14.49
C THR A 86 22.80 19.37 13.20
N THR A 87 21.86 18.89 12.41
CA THR A 87 21.54 19.53 11.15
C THR A 87 21.32 21.02 11.35
N ARG A 88 21.69 21.80 10.35
CA ARG A 88 21.44 23.22 10.36
C ARG A 88 20.82 23.62 9.04
N SER A 89 20.09 24.73 9.03
CA SER A 89 19.46 25.19 7.81
C SER A 89 20.49 25.82 6.88
N VAL A 90 20.15 25.84 5.59
CA VAL A 90 20.97 26.48 4.59
C VAL A 90 20.24 27.69 4.04
N ALA A 91 20.98 28.78 3.82
CA ALA A 91 20.44 30.03 3.29
C ALA A 91 21.18 30.34 2.01
N VAL A 92 20.42 30.63 0.96
CA VAL A 92 20.98 30.68 -0.39
C VAL A 92 20.43 31.86 -1.15
N ARG A 93 21.33 32.59 -1.81
CA ARG A 93 20.93 33.61 -2.76
C ARG A 93 21.05 33.02 -4.16
N ILE A 94 19.91 32.81 -4.81
CA ILE A 94 19.90 32.22 -6.15
C ILE A 94 20.38 33.21 -7.20
N ARG A 95 20.67 32.72 -8.40
CA ARG A 95 21.08 33.59 -9.52
C ARG A 95 19.92 34.07 -10.37
N GLN A 96 19.35 33.16 -11.16
CA GLN A 96 18.30 33.51 -12.12
C GLN A 96 16.89 33.22 -11.61
N ALA A 97 16.05 34.25 -11.60
CA ALA A 97 14.65 34.11 -11.21
C ALA A 97 13.84 33.43 -12.32
N ALA A 98 14.30 33.58 -13.56
CA ALA A 98 13.75 32.86 -14.71
C ALA A 98 12.45 33.50 -15.19
N GLN A 105 9.86 32.94 -20.28
CA GLN A 105 8.78 33.91 -20.13
C GLN A 105 8.82 34.59 -18.76
N TRP A 106 8.73 35.93 -18.75
CA TRP A 106 8.53 36.68 -17.51
C TRP A 106 7.04 36.78 -17.16
N ALA A 107 6.75 36.80 -15.86
CA ALA A 107 5.37 36.85 -15.38
C ALA A 107 4.86 38.30 -15.24
N GLY A 108 3.56 38.50 -15.46
CA GLY A 108 2.96 39.80 -15.27
C GLY A 108 2.24 40.31 -16.51
N SER A 109 1.80 41.57 -16.46
CA SER A 109 1.18 42.23 -17.61
C SER A 109 2.22 42.53 -18.69
N GLY A 110 1.75 42.91 -19.87
CA GLY A 110 2.62 43.20 -21.00
C GLY A 110 3.52 42.03 -21.35
N ASP A 111 4.81 42.31 -21.54
CA ASP A 111 5.81 41.27 -21.79
C ASP A 111 6.37 40.74 -20.46
N GLY A 112 5.88 41.26 -19.34
CA GLY A 112 6.23 40.71 -18.04
C GLY A 112 7.19 41.55 -17.24
N PHE A 113 7.48 41.11 -16.03
CA PHE A 113 8.35 41.86 -15.12
C PHE A 113 9.69 41.14 -15.02
N GLU A 114 10.70 41.71 -15.65
CA GLU A 114 12.03 41.12 -15.61
C GLU A 114 12.67 41.25 -14.22
N ARG A 115 13.16 40.14 -13.67
CA ARG A 115 13.73 40.12 -12.32
C ARG A 115 15.25 40.06 -12.37
N ALA A 116 15.89 40.98 -11.65
CA ALA A 116 17.34 41.00 -11.57
C ALA A 116 17.84 39.71 -10.92
N ASP A 117 19.06 39.31 -11.25
CA ASP A 117 19.68 38.14 -10.62
C ASP A 117 20.04 38.43 -9.15
N GLY A 118 20.43 37.39 -8.43
CA GLY A 118 20.84 37.51 -7.04
C GLY A 118 19.82 38.27 -6.20
N SER A 119 18.57 38.23 -6.63
CA SER A 119 17.52 39.05 -6.01
C SER A 119 16.55 38.28 -5.10
N TYR A 120 16.82 37.00 -4.86
CA TYR A 120 15.98 36.21 -3.99
C TYR A 120 16.81 35.32 -3.10
N ILE A 121 16.30 35.07 -1.91
CA ILE A 121 16.98 34.25 -0.94
C ILE A 121 16.06 33.13 -0.48
N TYR A 122 16.58 31.90 -0.52
CA TYR A 122 15.87 30.78 0.08
C TYR A 122 16.56 30.45 1.39
N ILE A 123 15.77 30.10 2.39
CA ILE A 123 16.32 29.54 3.62
C ILE A 123 15.52 28.29 3.98
N ALA A 124 16.22 27.21 4.30
CA ALA A 124 15.56 25.92 4.42
C ALA A 124 16.47 24.91 5.10
N PRO A 125 15.85 23.88 5.67
CA PRO A 125 16.64 22.74 6.15
C PRO A 125 17.55 22.28 5.02
N ASN A 126 18.78 21.88 5.34
CA ASN A 126 19.68 21.30 4.35
C ASN A 126 19.39 19.80 4.23
N ASN A 127 18.23 19.47 3.67
CA ASN A 127 17.74 18.10 3.59
C ASN A 127 17.24 17.73 2.20
N GLY A 128 17.59 18.56 1.21
CA GLY A 128 17.23 18.29 -0.17
C GLY A 128 16.04 19.12 -0.66
N LEU A 129 15.40 19.84 0.25
CA LEU A 129 14.22 20.61 -0.11
C LEU A 129 14.46 21.54 -1.30
N LEU A 130 15.65 22.14 -1.36
CA LEU A 130 15.97 23.16 -2.38
C LEU A 130 16.57 22.58 -3.66
N THR A 131 16.58 21.25 -3.77
CA THR A 131 17.29 20.60 -4.85
C THR A 131 16.94 21.19 -6.21
N THR A 132 15.65 21.31 -6.52
CA THR A 132 15.23 21.76 -7.84
C THR A 132 15.36 23.27 -7.96
N VAL A 133 15.24 23.96 -6.83
CA VAL A 133 15.43 25.40 -6.82
C VAL A 133 16.83 25.72 -7.34
N LEU A 134 17.84 25.09 -6.74
CA LEU A 134 19.23 25.41 -7.05
C LEU A 134 19.59 25.04 -8.49
N GLU A 135 19.02 23.97 -9.01
CA GLU A 135 19.38 23.55 -10.36
C GLU A 135 18.60 24.31 -11.42
N GLU A 136 17.35 24.65 -11.14
CA GLU A 136 16.57 25.40 -12.11
C GLU A 136 17.01 26.87 -12.11
N HIS A 137 17.50 27.34 -10.97
CA HIS A 137 17.82 28.75 -10.79
C HIS A 137 19.32 29.04 -10.62
N GLY A 138 20.06 28.08 -10.10
CA GLY A 138 21.47 28.30 -9.80
C GLY A 138 21.57 29.02 -8.47
N TYR A 139 22.78 29.25 -8.00
CA TYR A 139 22.95 30.01 -6.77
C TYR A 139 24.34 30.59 -6.69
N ILE A 140 24.41 31.74 -6.06
CA ILE A 140 25.66 32.48 -5.93
C ILE A 140 26.48 31.91 -4.79
N GLU A 141 25.90 31.93 -3.59
CA GLU A 141 26.59 31.35 -2.43
C GLU A 141 25.60 30.79 -1.42
N ALA A 142 26.02 29.74 -0.72
CA ALA A 142 25.20 29.12 0.30
C ALA A 142 25.92 29.14 1.64
N TYR A 143 25.13 29.29 2.70
CA TYR A 143 25.66 29.43 4.03
C TYR A 143 24.89 28.58 5.02
N GLU A 144 25.61 28.01 5.98
CA GLU A 144 25.00 27.30 7.09
C GLU A 144 24.49 28.35 8.06
N VAL A 145 23.32 28.11 8.64
CA VAL A 145 22.73 29.09 9.53
C VAL A 145 23.00 28.68 10.98
N THR A 146 23.90 29.42 11.65
CA THR A 146 24.34 29.09 13.01
C THR A 146 24.43 30.29 13.97
N SER A 147 24.65 31.49 13.45
CA SER A 147 24.81 32.68 14.29
C SER A 147 23.60 32.90 15.19
N THR A 148 23.87 33.17 16.46
CA THR A 148 22.82 33.40 17.45
C THR A 148 22.14 34.74 17.23
N LYS A 149 22.48 35.39 16.13
CA LYS A 149 21.90 36.67 15.77
C LYS A 149 20.67 36.49 14.92
N VAL A 150 20.56 35.31 14.30
CA VAL A 150 19.44 35.00 13.44
C VAL A 150 18.74 33.73 13.89
N ILE A 151 19.33 33.02 14.83
CA ILE A 151 18.65 31.90 15.46
C ILE A 151 18.83 31.94 16.97
N PRO A 152 18.00 31.19 17.68
CA PRO A 152 18.05 31.20 19.15
C PRO A 152 19.33 30.55 19.70
N ALA A 153 19.76 31.01 20.88
CA ALA A 153 20.87 30.39 21.59
C ALA A 153 20.46 29.01 22.12
N ASN A 154 19.20 28.87 22.51
CA ASN A 154 18.66 27.57 22.94
C ASN A 154 17.36 27.20 22.20
N PRO A 155 17.52 26.69 20.97
CA PRO A 155 16.42 26.29 20.09
C PRO A 155 15.54 25.20 20.71
N GLU A 156 14.22 25.30 20.52
CA GLU A 156 13.31 24.20 20.90
C GLU A 156 13.56 23.05 19.91
N PRO A 157 14.12 21.92 20.40
CA PRO A 157 14.50 20.78 19.56
C PRO A 157 13.48 20.41 18.51
N THR A 158 12.21 20.43 18.86
CA THR A 158 11.18 19.87 17.98
C THR A 158 10.63 20.88 17.00
N PHE A 159 11.05 22.15 17.11
CA PHE A 159 10.47 23.19 16.27
C PHE A 159 11.51 24.00 15.45
N TYR A 160 12.40 23.30 14.74
CA TYR A 160 13.39 23.99 13.90
C TYR A 160 12.79 24.77 12.74
N SER A 161 11.63 24.38 12.26
CA SER A 161 10.92 25.16 11.24
C SER A 161 10.69 26.59 11.73
N ARG A 162 10.54 26.78 13.04
CA ARG A 162 10.41 28.14 13.58
C ARG A 162 11.78 28.74 13.91
N GLU A 163 12.59 27.96 14.64
CA GLU A 163 13.87 28.42 15.18
C GLU A 163 14.94 28.63 14.10
N MET A 164 14.99 27.73 13.11
CA MET A 164 16.06 27.70 12.10
C MET A 164 15.62 28.03 10.67
N VAL A 165 14.38 28.48 10.51
CA VAL A 165 13.89 28.91 9.20
C VAL A 165 13.12 30.21 9.33
N ALA A 166 12.02 30.18 10.07
CA ALA A 166 11.15 31.34 10.18
C ALA A 166 11.88 32.54 10.78
N ILE A 167 12.54 32.32 11.91
CA ILE A 167 13.20 33.42 12.62
C ILE A 167 14.31 34.07 11.79
N PRO A 168 15.23 33.26 11.26
CA PRO A 168 16.29 33.90 10.46
C PRO A 168 15.78 34.49 9.15
N SER A 169 14.71 33.91 8.58
CA SER A 169 14.17 34.42 7.31
C SER A 169 13.75 35.86 7.49
N ALA A 170 13.32 36.20 8.70
CA ALA A 170 12.80 37.53 8.98
C ALA A 170 13.97 38.49 9.17
N HIS A 171 15.05 38.00 9.77
CA HIS A 171 16.27 38.80 9.82
C HIS A 171 16.74 39.14 8.40
N LEU A 172 16.66 38.16 7.50
CA LEU A 172 17.16 38.32 6.14
C LEU A 172 16.27 39.29 5.37
N ALA A 173 14.98 39.29 5.71
CA ALA A 173 14.03 40.23 5.11
C ALA A 173 14.26 41.64 5.64
N ALA A 174 14.81 41.73 6.86
CA ALA A 174 15.12 43.03 7.46
C ALA A 174 16.50 43.53 7.09
N GLY A 175 17.18 42.82 6.20
CA GLY A 175 18.41 43.34 5.62
C GLY A 175 19.68 42.71 6.17
N PHE A 176 19.55 41.75 7.09
CA PHE A 176 20.71 41.08 7.66
C PHE A 176 21.55 40.42 6.56
N PRO A 177 22.89 40.64 6.56
CA PRO A 177 23.78 40.10 5.53
C PRO A 177 23.82 38.58 5.52
N LEU A 178 23.53 37.99 4.37
CA LEU A 178 23.49 36.54 4.24
C LEU A 178 24.79 35.89 4.71
N ALA A 179 25.92 36.50 4.33
CA ALA A 179 27.24 35.93 4.58
C ALA A 179 27.61 35.88 6.05
N GLU A 180 26.77 36.43 6.91
CA GLU A 180 27.06 36.50 8.34
C GLU A 180 26.20 35.56 9.20
N VAL A 181 25.37 34.73 8.57
CA VAL A 181 24.49 33.81 9.29
C VAL A 181 25.28 32.60 9.77
N GLY A 182 26.40 32.35 9.10
CA GLY A 182 27.28 31.26 9.47
C GLY A 182 28.24 30.94 8.36
N ARG A 183 28.91 29.79 8.45
CA ARG A 183 29.99 29.49 7.53
C ARG A 183 29.44 29.27 6.12
N ARG A 184 30.31 29.40 5.13
CA ARG A 184 29.94 29.20 3.74
C ARG A 184 30.03 27.71 3.43
N LEU A 185 29.10 27.23 2.60
CA LEU A 185 29.02 25.82 2.26
C LEU A 185 29.63 25.56 0.89
N ASP A 186 30.17 24.36 0.73
CA ASP A 186 30.56 23.86 -0.59
C ASP A 186 29.37 23.15 -1.20
N ASP A 187 29.31 23.15 -2.52
CA ASP A 187 28.25 22.47 -3.24
C ASP A 187 28.02 21.05 -2.71
N SER A 188 29.10 20.33 -2.45
CA SER A 188 29.00 18.95 -2.00
C SER A 188 28.29 18.85 -0.64
N GLU A 189 28.41 19.90 0.16
CA GLU A 189 27.79 19.94 1.49
C GLU A 189 26.30 20.24 1.43
N ILE A 190 25.79 20.54 0.24
CA ILE A 190 24.37 20.82 0.08
C ILE A 190 23.63 19.56 -0.33
N VAL A 191 22.80 19.06 0.57
CA VAL A 191 22.08 17.82 0.31
C VAL A 191 21.16 17.98 -0.88
N ARG A 192 21.10 16.93 -1.70
CA ARG A 192 20.20 16.93 -2.84
C ARG A 192 19.48 15.60 -2.91
N PHE A 193 18.28 15.62 -3.48
CA PHE A 193 17.62 14.38 -3.84
C PHE A 193 17.68 14.16 -5.35
N HIS A 194 17.25 12.98 -5.80
CA HIS A 194 17.34 12.68 -7.22
C HIS A 194 16.00 12.29 -7.80
N ARG A 195 15.64 13.00 -8.87
CA ARG A 195 14.39 12.75 -9.57
C ARG A 195 14.53 11.61 -10.55
N PRO A 196 13.42 10.89 -10.78
CA PRO A 196 13.38 9.92 -11.86
C PRO A 196 13.52 10.67 -13.17
N ALA A 197 14.34 10.14 -14.07
CA ALA A 197 14.57 10.81 -15.34
C ALA A 197 13.51 10.40 -16.37
N VAL A 198 13.46 11.18 -17.44
CA VAL A 198 12.59 10.90 -18.57
C VAL A 198 13.36 10.25 -19.70
N GLU A 199 12.95 9.04 -20.08
CA GLU A 199 13.40 8.41 -21.33
C GLU A 199 12.65 9.02 -22.50
N ALA A 204 9.16 7.89 -28.38
CA ALA A 204 8.29 7.32 -27.36
C ALA A 204 8.80 7.66 -25.95
N LEU A 205 8.07 8.50 -25.22
CA LEU A 205 8.53 9.04 -23.94
C LEU A 205 7.94 8.32 -22.72
N SER A 206 8.80 8.00 -21.76
CA SER A 206 8.37 7.38 -20.51
C SER A 206 8.61 8.35 -19.37
N GLY A 207 7.68 8.39 -18.43
CA GLY A 207 7.77 9.31 -17.31
C GLY A 207 6.92 8.80 -16.17
N VAL A 208 6.45 9.72 -15.34
CA VAL A 208 5.71 9.34 -14.14
C VAL A 208 4.77 10.46 -13.74
N VAL A 209 3.69 10.09 -13.07
CA VAL A 209 2.75 11.09 -12.59
C VAL A 209 3.31 11.73 -11.33
N THR A 210 3.53 13.03 -11.41
CA THR A 210 4.20 13.78 -10.35
C THR A 210 3.22 14.20 -9.27
N ALA A 211 2.02 14.60 -9.70
CA ALA A 211 1.04 15.20 -8.79
C ALA A 211 -0.36 15.21 -9.37
N ILE A 212 -1.35 15.18 -8.49
CA ILE A 212 -2.75 15.46 -8.85
C ILE A 212 -3.05 16.91 -8.46
N ASP A 213 -3.57 17.70 -9.39
CA ASP A 213 -3.83 19.11 -9.13
C ASP A 213 -5.19 19.28 -8.47
N HIS A 214 -5.19 19.41 -7.15
CA HIS A 214 -6.44 19.63 -6.40
C HIS A 214 -6.86 21.08 -6.53
N PRO A 215 -8.17 21.34 -6.62
CA PRO A 215 -9.30 20.41 -6.48
C PRO A 215 -9.86 19.91 -7.82
N PHE A 216 -9.12 20.09 -8.90
CA PHE A 216 -9.63 19.87 -10.25
C PHE A 216 -9.54 18.41 -10.67
N GLY A 217 -8.58 17.68 -10.11
CA GLY A 217 -8.40 16.28 -10.45
C GLY A 217 -7.55 16.12 -11.69
N ASN A 218 -6.82 17.17 -12.03
CA ASN A 218 -5.95 17.12 -13.19
C ASN A 218 -4.70 16.31 -12.89
N ILE A 219 -4.08 15.75 -13.93
CA ILE A 219 -2.94 14.87 -13.75
C ILE A 219 -1.66 15.43 -14.38
N TRP A 220 -0.62 15.53 -13.56
CA TRP A 220 0.64 16.17 -13.94
C TRP A 220 1.71 15.12 -14.12
N THR A 221 2.55 15.29 -15.13
CA THR A 221 3.64 14.34 -15.38
C THR A 221 5.00 15.05 -15.34
N ASN A 222 6.07 14.27 -15.39
CA ASN A 222 7.44 14.81 -15.35
C ASN A 222 7.96 15.14 -16.76
N ILE A 223 7.15 14.87 -17.77
CA ILE A 223 7.54 15.17 -19.15
C ILE A 223 7.36 16.67 -19.45
N HIS A 224 8.46 17.33 -19.76
CA HIS A 224 8.46 18.77 -19.97
C HIS A 224 8.22 19.10 -21.43
N ARG A 225 7.79 20.32 -21.69
CA ARG A 225 7.66 20.84 -23.06
C ARG A 225 8.90 20.49 -23.87
N THR A 226 10.02 20.59 -23.20
CA THR A 226 11.33 20.54 -23.84
C THR A 226 11.61 19.11 -24.27
N ASP A 227 10.89 18.19 -23.66
CA ASP A 227 11.05 16.77 -23.94
C ASP A 227 10.21 16.38 -25.15
N LEU A 228 9.11 17.11 -25.34
CA LEU A 228 8.19 16.88 -26.47
C LEU A 228 8.78 17.43 -27.77
N GLU A 229 9.18 18.70 -27.75
CA GLU A 229 9.71 19.34 -28.94
C GLU A 229 11.03 18.70 -29.35
N LYS A 230 11.57 17.86 -28.48
CA LYS A 230 12.78 17.08 -28.78
C LYS A 230 12.42 15.73 -29.40
N ALA A 231 11.14 15.51 -29.61
CA ALA A 231 10.64 14.31 -30.25
C ALA A 231 9.62 14.73 -31.31
N GLY A 232 9.75 15.97 -31.78
CA GLY A 232 8.94 16.46 -32.87
C GLY A 232 7.48 16.60 -32.48
N ILE A 233 7.25 17.10 -31.27
CA ILE A 233 5.89 17.23 -30.75
C ILE A 233 5.52 18.65 -30.38
N GLY A 234 4.56 19.19 -31.13
CA GLY A 234 4.03 20.51 -30.87
C GLY A 234 2.51 20.44 -30.85
N GLN A 235 1.89 21.61 -30.78
CA GLN A 235 0.45 21.71 -30.58
C GLN A 235 -0.30 20.98 -31.68
N GLY A 236 -1.40 20.33 -31.30
CA GLY A 236 -2.31 19.73 -32.26
C GLY A 236 -1.95 18.31 -32.56
N LYS A 237 -0.76 17.89 -32.13
CA LYS A 237 -0.30 16.54 -32.42
C LYS A 237 -1.16 15.52 -31.68
N HIS A 238 -1.61 14.50 -32.39
CA HIS A 238 -2.39 13.43 -31.78
C HIS A 238 -1.48 12.52 -31.00
N LEU A 239 -1.79 12.37 -29.71
CA LEU A 239 -0.98 11.58 -28.80
C LEU A 239 -1.78 10.48 -28.11
N LYS A 240 -1.05 9.51 -27.60
CA LYS A 240 -1.59 8.54 -26.66
C LYS A 240 -0.82 8.61 -25.35
N ILE A 241 -1.52 8.78 -24.24
CA ILE A 241 -0.88 8.80 -22.94
C ILE A 241 -1.44 7.68 -22.09
N ILE A 242 -0.61 6.69 -21.78
CA ILE A 242 -1.04 5.52 -21.03
C ILE A 242 -0.62 5.61 -19.55
N LEU A 243 -1.57 5.40 -18.64
CA LEU A 243 -1.25 5.40 -17.21
C LEU A 243 -1.22 3.99 -16.65
N ASP A 244 -0.23 3.72 -15.82
CA ASP A 244 -0.19 2.44 -15.09
C ASP A 244 -0.23 1.25 -16.04
N ASP A 245 0.09 1.49 -17.30
CA ASP A 245 0.13 0.45 -18.32
C ASP A 245 -1.23 -0.22 -18.56
N VAL A 246 -2.31 0.47 -18.21
CA VAL A 246 -3.66 -0.07 -18.38
C VAL A 246 -4.70 0.97 -18.80
N LEU A 247 -4.35 2.25 -18.78
CA LEU A 247 -5.29 3.31 -19.17
C LEU A 247 -4.74 4.10 -20.36
N PRO A 248 -5.04 3.63 -21.58
CA PRO A 248 -4.62 4.25 -22.85
C PRO A 248 -5.51 5.42 -23.31
N PHE A 249 -5.17 6.62 -22.85
CA PHE A 249 -5.88 7.82 -23.25
C PHE A 249 -5.40 8.30 -24.60
N GLU A 250 -6.31 8.89 -25.37
CA GLU A 250 -6.01 9.40 -26.70
C GLU A 250 -6.62 10.77 -26.89
N ALA A 251 -5.81 11.72 -27.35
CA ALA A 251 -6.27 13.08 -27.59
C ALA A 251 -5.21 13.91 -28.27
N PRO A 252 -5.63 14.98 -28.95
CA PRO A 252 -4.66 15.91 -29.51
C PRO A 252 -4.10 16.81 -28.42
N LEU A 253 -2.87 17.27 -28.62
CA LEU A 253 -2.27 18.23 -27.71
C LEU A 253 -2.94 19.57 -27.93
N THR A 254 -3.37 20.19 -26.85
CA THR A 254 -4.08 21.46 -26.95
C THR A 254 -3.58 22.43 -25.87
N PRO A 255 -3.71 23.74 -26.11
CA PRO A 255 -3.26 24.72 -25.13
C PRO A 255 -4.08 24.71 -23.85
N THR A 256 -5.37 24.41 -23.93
CA THR A 256 -6.24 24.43 -22.74
C THR A 256 -7.36 23.38 -22.74
N PHE A 257 -8.10 23.31 -21.63
CA PHE A 257 -9.09 22.26 -21.36
C PHE A 257 -10.28 22.25 -22.31
N ALA A 258 -10.84 23.44 -22.55
CA ALA A 258 -12.06 23.57 -23.35
C ALA A 258 -11.83 23.13 -24.80
N ASP A 259 -10.58 23.13 -25.25
CA ASP A 259 -10.26 22.67 -26.59
C ASP A 259 -10.67 21.21 -26.80
N ALA A 260 -10.91 20.47 -25.73
CA ALA A 260 -11.31 19.06 -25.84
C ALA A 260 -12.73 18.91 -26.40
N GLY A 261 -13.43 20.02 -26.51
CA GLY A 261 -14.79 20.01 -27.06
C GLY A 261 -15.79 20.03 -25.93
N ALA A 262 -16.53 18.94 -25.80
CA ALA A 262 -17.59 18.89 -24.80
C ALA A 262 -17.02 18.66 -23.41
N ILE A 263 -17.81 19.09 -22.43
CA ILE A 263 -17.48 18.87 -21.03
C ILE A 263 -17.31 17.40 -20.70
N GLY A 264 -16.27 17.08 -19.94
CA GLY A 264 -16.01 15.70 -19.56
C GLY A 264 -14.96 15.07 -20.45
N ASN A 265 -14.81 15.61 -21.66
CA ASN A 265 -13.84 15.09 -22.63
C ASN A 265 -12.41 15.25 -22.16
N ILE A 266 -11.60 14.21 -22.41
CA ILE A 266 -10.19 14.22 -22.09
C ILE A 266 -9.44 15.34 -22.82
N ALA A 267 -8.50 15.97 -22.13
CA ALA A 267 -7.67 16.98 -22.75
C ALA A 267 -6.21 16.67 -22.42
N PHE A 268 -5.33 16.88 -23.40
CA PHE A 268 -3.90 16.74 -23.20
C PHE A 268 -3.31 18.11 -23.37
N TYR A 269 -2.57 18.56 -22.36
CA TYR A 269 -2.03 19.92 -22.40
C TYR A 269 -0.73 20.06 -21.65
N LEU A 270 -0.08 21.17 -21.90
CA LEU A 270 1.02 21.63 -21.10
C LEU A 270 0.48 22.57 -20.02
N ASN A 271 0.82 22.27 -18.77
CA ASN A 271 0.33 23.07 -17.64
C ASN A 271 1.13 24.36 -17.53
N SER A 272 0.81 25.17 -16.52
CA SER A 272 1.42 26.49 -16.34
C SER A 272 2.87 26.38 -15.89
N ARG A 273 3.30 25.17 -15.54
CA ARG A 273 4.69 24.92 -15.14
C ARG A 273 5.52 24.37 -16.31
N GLY A 274 4.88 24.09 -17.45
CA GLY A 274 5.56 23.60 -18.63
C GLY A 274 5.62 22.09 -18.75
N TYR A 275 4.63 21.39 -18.18
CA TYR A 275 4.64 19.93 -18.14
C TYR A 275 3.41 19.28 -18.74
N LEU A 276 3.63 18.18 -19.46
CA LEU A 276 2.55 17.43 -20.05
C LEU A 276 1.59 16.99 -18.94
N SER A 277 0.30 17.17 -19.19
CA SER A 277 -0.71 16.90 -18.20
C SER A 277 -1.99 16.42 -18.90
N LEU A 278 -2.87 15.79 -18.13
CA LEU A 278 -4.18 15.36 -18.62
C LEU A 278 -5.26 15.87 -17.71
N ALA A 279 -6.46 15.96 -18.24
CA ALA A 279 -7.58 16.34 -17.42
C ALA A 279 -8.83 16.11 -18.22
N ARG A 280 -9.94 16.46 -17.61
CA ARG A 280 -11.20 16.51 -18.32
C ARG A 280 -11.59 17.98 -18.34
N ASN A 281 -12.38 18.36 -19.34
CA ASN A 281 -12.88 19.71 -19.44
C ASN A 281 -14.02 19.94 -18.45
N ALA A 282 -13.76 20.75 -17.42
CA ALA A 282 -14.76 21.07 -16.40
C ALA A 282 -15.29 19.80 -15.72
N ALA A 283 -14.41 18.85 -15.51
CA ALA A 283 -14.76 17.60 -14.84
C ALA A 283 -13.48 17.07 -14.24
N SER A 284 -13.61 16.29 -13.18
CA SER A 284 -12.44 15.72 -12.52
C SER A 284 -12.07 14.39 -13.18
N LEU A 285 -10.78 14.20 -13.47
CA LEU A 285 -10.33 12.98 -14.11
C LEU A 285 -9.80 12.01 -13.08
N ALA A 286 -9.13 12.53 -12.06
CA ALA A 286 -8.40 11.69 -11.11
C ALA A 286 -9.30 11.15 -10.02
N TYR A 287 -10.18 12.01 -9.51
CA TYR A 287 -10.91 11.73 -8.27
C TYR A 287 -11.86 10.54 -8.37
N PRO A 288 -12.69 10.50 -9.41
CA PRO A 288 -13.68 9.42 -9.52
C PRO A 288 -13.05 8.03 -9.67
N TYR A 289 -11.81 7.96 -10.16
CA TYR A 289 -11.18 6.68 -10.48
C TYR A 289 -9.96 6.46 -9.59
N ASN A 290 -9.86 7.27 -8.54
CA ASN A 290 -8.76 7.17 -7.58
CA ASN A 290 -8.75 7.19 -7.58
C ASN A 290 -7.37 7.12 -8.23
N LEU A 291 -7.14 7.96 -9.22
CA LEU A 291 -5.83 8.03 -9.85
C LEU A 291 -4.92 8.94 -9.02
N LYS A 292 -3.77 8.40 -8.59
CA LYS A 292 -2.86 9.13 -7.71
C LYS A 292 -1.47 9.30 -8.33
N ALA A 293 -0.66 10.14 -7.69
CA ALA A 293 0.74 10.32 -8.07
C ALA A 293 1.45 8.98 -7.99
N GLY A 294 2.46 8.78 -8.81
CA GLY A 294 3.24 7.56 -8.78
C GLY A 294 2.98 6.70 -9.98
N LEU A 295 1.75 6.75 -10.49
CA LEU A 295 1.43 6.00 -11.70
C LEU A 295 2.41 6.35 -12.80
N LYS A 296 2.70 5.38 -13.65
CA LYS A 296 3.75 5.54 -14.64
C LYS A 296 3.09 5.99 -15.94
N VAL A 297 3.88 6.61 -16.82
CA VAL A 297 3.34 7.28 -17.99
C VAL A 297 4.10 6.94 -19.24
N ARG A 298 3.37 6.59 -20.30
CA ARG A 298 3.97 6.34 -21.59
C ARG A 298 3.29 7.27 -22.60
N VAL A 299 4.09 7.98 -23.38
CA VAL A 299 3.55 8.92 -24.36
C VAL A 299 3.92 8.47 -25.78
N GLU A 300 2.91 8.37 -26.64
CA GLU A 300 3.12 7.97 -28.02
C GLU A 300 2.48 8.99 -28.96
N ALA A 301 2.86 8.93 -30.23
CA ALA A 301 2.28 9.79 -31.26
C ALA A 301 1.77 8.95 -32.43
N ARG B 11 -25.24 -42.26 2.29
CA ARG B 11 -25.32 -40.88 2.80
C ARG B 11 -24.08 -40.05 2.44
N PRO B 12 -23.77 -39.98 1.15
CA PRO B 12 -22.59 -39.25 0.65
C PRO B 12 -22.59 -37.78 1.03
N ILE B 13 -21.41 -37.22 1.30
CA ILE B 13 -21.27 -35.82 1.69
C ILE B 13 -20.13 -35.15 0.96
N ILE B 14 -20.40 -33.97 0.41
CA ILE B 14 -19.37 -33.11 -0.15
C ILE B 14 -19.29 -31.84 0.67
N ALA B 15 -18.11 -31.56 1.21
CA ALA B 15 -17.87 -30.30 1.91
C ALA B 15 -17.26 -29.35 0.87
N PHE B 16 -17.89 -28.20 0.69
CA PHE B 16 -17.60 -27.31 -0.43
C PHE B 16 -16.98 -25.98 0.05
N MET B 17 -15.74 -25.72 -0.36
CA MET B 17 -15.07 -24.45 -0.08
C MET B 17 -14.64 -23.83 -1.40
N SER B 18 -14.96 -22.54 -1.62
CA SER B 18 -14.61 -21.85 -2.86
C SER B 18 -14.42 -20.36 -2.62
N ASP B 19 -14.00 -19.63 -3.65
CA ASP B 19 -13.88 -18.18 -3.60
C ASP B 19 -14.98 -17.52 -4.44
N LEU B 20 -16.00 -18.30 -4.80
CA LEU B 20 -17.04 -17.89 -5.77
C LEU B 20 -17.99 -16.83 -5.22
N GLY B 21 -18.14 -16.80 -3.91
CA GLY B 21 -18.87 -15.72 -3.28
C GLY B 21 -20.30 -16.07 -2.95
N THR B 22 -21.04 -15.05 -2.52
CA THR B 22 -22.39 -15.20 -2.03
C THR B 22 -23.32 -14.22 -2.72
N THR B 23 -22.92 -13.74 -3.90
CA THR B 23 -23.67 -12.68 -4.58
C THR B 23 -24.03 -13.00 -6.03
N ASP B 24 -24.08 -14.28 -6.38
CA ASP B 24 -24.59 -14.71 -7.70
C ASP B 24 -24.93 -16.20 -7.63
N ASP B 25 -25.22 -16.82 -8.77
CA ASP B 25 -25.67 -18.22 -8.80
C ASP B 25 -24.55 -19.23 -9.03
N SER B 26 -23.31 -18.77 -8.99
CA SER B 26 -22.16 -19.64 -9.28
C SER B 26 -22.20 -20.89 -8.44
N VAL B 27 -22.24 -20.72 -7.11
CA VAL B 27 -22.20 -21.87 -6.22
C VAL B 27 -23.40 -22.78 -6.46
N ALA B 28 -24.53 -22.18 -6.81
CA ALA B 28 -25.76 -22.94 -6.97
C ALA B 28 -25.72 -23.81 -8.23
N GLN B 29 -25.08 -23.30 -9.28
CA GLN B 29 -24.83 -24.09 -10.49
C GLN B 29 -24.08 -25.34 -10.08
N CYS B 30 -23.03 -25.12 -9.30
CA CYS B 30 -22.18 -26.21 -8.85
C CYS B 30 -22.99 -27.23 -8.08
N LYS B 31 -23.80 -26.75 -7.13
CA LYS B 31 -24.63 -27.62 -6.29
C LYS B 31 -25.65 -28.42 -7.08
N GLY B 32 -26.30 -27.78 -8.05
CA GLY B 32 -27.24 -28.45 -8.92
C GLY B 32 -26.62 -29.66 -9.61
N LEU B 33 -25.37 -29.50 -10.05
CA LEU B 33 -24.66 -30.61 -10.71
C LEU B 33 -24.27 -31.71 -9.73
N MET B 34 -23.85 -31.32 -8.53
CA MET B 34 -23.55 -32.31 -7.50
C MET B 34 -24.75 -33.18 -7.26
N HIS B 35 -25.93 -32.57 -7.19
CA HIS B 35 -27.13 -33.34 -6.91
C HIS B 35 -27.48 -34.18 -8.13
N SER B 36 -27.28 -33.60 -9.31
CA SER B 36 -27.53 -34.29 -10.57
C SER B 36 -26.71 -35.58 -10.65
N ILE B 37 -25.40 -35.44 -10.43
CA ILE B 37 -24.46 -36.54 -10.52
C ILE B 37 -24.59 -37.52 -9.36
N CYS B 38 -24.72 -36.99 -8.14
CA CYS B 38 -24.82 -37.82 -6.95
C CYS B 38 -26.12 -37.52 -6.17
N PRO B 39 -27.23 -38.17 -6.54
CA PRO B 39 -28.53 -37.95 -5.88
C PRO B 39 -28.55 -38.42 -4.42
N GLY B 40 -29.09 -37.60 -3.52
CA GLY B 40 -29.10 -37.93 -2.11
C GLY B 40 -27.85 -37.38 -1.43
N VAL B 41 -27.01 -36.72 -2.21
CA VAL B 41 -25.80 -36.13 -1.65
C VAL B 41 -26.24 -34.97 -0.78
N THR B 42 -25.48 -34.74 0.28
CA THR B 42 -25.64 -33.55 1.10
C THR B 42 -24.42 -32.68 0.89
N VAL B 43 -24.64 -31.44 0.49
CA VAL B 43 -23.55 -30.50 0.31
C VAL B 43 -23.45 -29.60 1.52
N VAL B 44 -22.32 -29.70 2.22
CA VAL B 44 -22.07 -28.87 3.37
C VAL B 44 -21.16 -27.70 2.99
N ASP B 45 -21.69 -26.49 3.12
CA ASP B 45 -20.93 -25.31 2.80
C ASP B 45 -19.86 -25.10 3.87
N VAL B 46 -18.62 -24.98 3.42
CA VAL B 46 -17.52 -24.67 4.33
C VAL B 46 -17.37 -23.17 4.42
N CYS B 47 -17.02 -22.57 3.30
CA CYS B 47 -16.95 -21.12 3.17
C CYS B 47 -16.88 -20.81 1.68
N HIS B 48 -17.44 -19.69 1.29
CA HIS B 48 -17.36 -19.24 -0.09
C HIS B 48 -16.88 -17.78 -0.15
N SER B 49 -16.38 -17.26 0.96
CA SER B 49 -16.10 -15.84 1.07
C SER B 49 -14.63 -15.55 1.22
N MET B 50 -13.79 -16.56 1.04
CA MET B 50 -12.35 -16.36 1.14
C MET B 50 -11.93 -15.25 0.18
N THR B 51 -10.81 -14.60 0.52
CA THR B 51 -10.23 -13.61 -0.38
C THR B 51 -9.89 -14.31 -1.69
N PRO B 52 -10.24 -13.68 -2.83
CA PRO B 52 -10.03 -14.30 -4.14
C PRO B 52 -8.56 -14.64 -4.39
N TRP B 53 -8.27 -15.85 -4.87
CA TRP B 53 -6.93 -16.22 -5.33
C TRP B 53 -5.91 -16.39 -4.20
N ASP B 54 -6.34 -16.17 -2.96
CA ASP B 54 -5.44 -16.27 -1.82
C ASP B 54 -5.36 -17.72 -1.32
N VAL B 55 -4.46 -18.48 -1.95
CA VAL B 55 -4.37 -19.91 -1.73
C VAL B 55 -4.10 -20.30 -0.26
N GLU B 56 -3.20 -19.58 0.38
CA GLU B 56 -2.80 -19.88 1.75
C GLU B 56 -3.91 -19.58 2.73
N GLU B 57 -4.82 -18.70 2.35
CA GLU B 57 -5.96 -18.40 3.19
C GLU B 57 -6.95 -19.55 3.07
N GLY B 58 -7.13 -20.06 1.86
CA GLY B 58 -8.03 -21.17 1.64
C GLY B 58 -7.56 -22.40 2.38
N ALA B 59 -6.25 -22.63 2.34
CA ALA B 59 -5.63 -23.76 3.03
C ALA B 59 -6.08 -23.87 4.49
N ARG B 60 -6.12 -22.73 5.19
CA ARG B 60 -6.54 -22.72 6.60
C ARG B 60 -8.02 -23.07 6.79
N TYR B 61 -8.83 -22.90 5.76
CA TYR B 61 -10.26 -23.19 5.89
C TYR B 61 -10.58 -24.64 5.59
N ILE B 62 -9.58 -25.43 5.18
CA ILE B 62 -9.83 -26.81 4.79
C ILE B 62 -8.89 -27.81 5.47
N VAL B 63 -7.91 -27.32 6.21
CA VAL B 63 -6.87 -28.20 6.76
C VAL B 63 -7.31 -28.91 8.05
N ASP B 64 -8.29 -28.33 8.76
CA ASP B 64 -8.74 -28.87 10.05
C ASP B 64 -10.06 -29.65 9.97
N LEU B 65 -10.55 -29.90 8.76
CA LEU B 65 -11.93 -30.39 8.56
C LEU B 65 -12.19 -31.89 8.84
N PRO B 66 -11.31 -32.77 8.36
CA PRO B 66 -11.58 -34.21 8.33
C PRO B 66 -12.09 -34.81 9.64
N ARG B 67 -11.56 -34.42 10.79
CA ARG B 67 -11.96 -35.05 12.03
C ARG B 67 -13.40 -34.70 12.42
N PHE B 68 -13.90 -33.59 11.89
CA PHE B 68 -15.27 -33.15 12.16
C PHE B 68 -16.28 -33.83 11.24
N PHE B 69 -15.79 -34.49 10.18
CA PHE B 69 -16.66 -35.06 9.17
C PHE B 69 -16.62 -36.58 9.14
N PRO B 70 -17.72 -37.19 8.68
CA PRO B 70 -17.84 -38.65 8.55
C PRO B 70 -16.86 -39.20 7.52
N GLU B 71 -16.36 -40.40 7.79
CA GLU B 71 -15.47 -41.08 6.88
C GLU B 71 -16.12 -41.15 5.50
N GLY B 72 -15.33 -40.90 4.47
CA GLY B 72 -15.79 -41.00 3.11
C GLY B 72 -16.24 -39.66 2.57
N THR B 73 -16.28 -38.65 3.43
CA THR B 73 -16.67 -37.32 2.98
C THR B 73 -15.65 -36.87 1.95
N VAL B 74 -16.13 -36.22 0.88
CA VAL B 74 -15.25 -35.65 -0.13
C VAL B 74 -15.14 -34.13 0.05
N PHE B 75 -13.91 -33.62 0.08
CA PHE B 75 -13.70 -32.18 0.22
C PHE B 75 -13.42 -31.57 -1.15
N ALA B 76 -14.33 -30.69 -1.56
CA ALA B 76 -14.21 -29.96 -2.81
C ALA B 76 -13.78 -28.55 -2.47
N THR B 77 -12.52 -28.23 -2.77
CA THR B 77 -11.92 -26.97 -2.33
C THR B 77 -11.27 -26.29 -3.52
N THR B 78 -11.68 -25.06 -3.84
CA THR B 78 -11.18 -24.43 -5.04
C THR B 78 -11.07 -22.91 -5.02
N THR B 79 -9.93 -22.44 -5.52
CA THR B 79 -9.79 -21.08 -6.00
C THR B 79 -8.94 -21.26 -7.28
N TYR B 80 -9.44 -20.79 -8.42
CA TYR B 80 -8.91 -21.24 -9.71
C TYR B 80 -8.51 -20.09 -10.64
N PRO B 81 -7.53 -19.27 -10.21
CA PRO B 81 -7.08 -18.10 -10.97
C PRO B 81 -6.49 -18.48 -12.32
N ALA B 82 -6.09 -19.74 -12.47
CA ALA B 82 -5.54 -20.22 -13.73
C ALA B 82 -6.60 -20.96 -14.54
N THR B 83 -7.87 -20.79 -14.16
CA THR B 83 -8.97 -21.39 -14.89
C THR B 83 -8.80 -21.14 -16.39
N GLY B 84 -9.04 -22.18 -17.19
CA GLY B 84 -9.01 -22.04 -18.64
C GLY B 84 -7.64 -22.37 -19.24
N THR B 85 -6.70 -22.76 -18.39
CA THR B 85 -5.36 -23.12 -18.86
C THR B 85 -5.17 -24.63 -18.83
N THR B 86 -3.92 -25.05 -19.00
CA THR B 86 -3.56 -26.46 -18.95
C THR B 86 -3.62 -26.96 -17.51
N THR B 87 -3.56 -26.04 -16.56
CA THR B 87 -3.63 -26.42 -15.15
C THR B 87 -4.81 -27.34 -14.94
N ARG B 88 -4.57 -28.43 -14.23
CA ARG B 88 -5.63 -29.37 -13.90
C ARG B 88 -5.77 -29.45 -12.39
N SER B 89 -6.83 -30.15 -11.96
CA SER B 89 -7.06 -30.39 -10.54
C SER B 89 -6.45 -31.72 -10.15
N VAL B 90 -6.25 -31.90 -8.86
CA VAL B 90 -5.70 -33.13 -8.34
C VAL B 90 -6.65 -33.66 -7.27
N ALA B 91 -6.78 -34.98 -7.21
CA ALA B 91 -7.63 -35.63 -6.23
C ALA B 91 -6.75 -36.50 -5.34
N VAL B 92 -6.95 -36.40 -4.04
CA VAL B 92 -6.01 -37.01 -3.09
C VAL B 92 -6.71 -37.70 -1.93
N ARG B 93 -6.33 -38.93 -1.68
CA ARG B 93 -6.77 -39.65 -0.50
C ARG B 93 -5.74 -39.38 0.59
N ILE B 94 -6.15 -38.66 1.63
CA ILE B 94 -5.24 -38.33 2.72
C ILE B 94 -5.15 -39.48 3.71
N ARG B 95 -4.09 -39.51 4.51
CA ARG B 95 -3.86 -40.61 5.41
C ARG B 95 -4.50 -40.36 6.77
N GLN B 96 -3.90 -39.47 7.55
CA GLN B 96 -4.33 -39.24 8.93
C GLN B 96 -5.34 -38.11 9.07
N ALA B 97 -6.43 -38.41 9.76
CA ALA B 97 -7.52 -37.47 9.99
C ALA B 97 -7.05 -36.28 10.86
N ALA B 98 -5.92 -36.46 11.55
CA ALA B 98 -5.32 -35.45 12.45
C ALA B 98 -5.15 -34.07 11.84
N GLN B 105 -6.10 -36.86 19.51
CA GLN B 105 -7.18 -36.11 20.15
C GLN B 105 -8.33 -35.82 19.19
N TRP B 106 -9.51 -36.35 19.52
CA TRP B 106 -10.64 -36.35 18.60
C TRP B 106 -11.73 -35.34 18.96
N ALA B 107 -12.51 -34.96 17.95
CA ALA B 107 -13.59 -34.00 18.10
C ALA B 107 -14.93 -34.72 18.29
N GLY B 108 -15.85 -34.08 19.01
CA GLY B 108 -17.14 -34.68 19.31
C GLY B 108 -17.31 -34.86 20.80
N SER B 109 -18.43 -35.49 21.18
CA SER B 109 -18.73 -35.74 22.59
C SER B 109 -17.80 -36.79 23.19
N GLY B 110 -17.83 -36.95 24.51
CA GLY B 110 -16.97 -37.90 25.18
C GLY B 110 -15.50 -37.69 24.85
N ASP B 111 -14.83 -38.74 24.39
CA ASP B 111 -13.43 -38.65 23.98
C ASP B 111 -13.30 -38.46 22.46
N GLY B 112 -14.44 -38.26 21.80
CA GLY B 112 -14.46 -37.83 20.41
C GLY B 112 -14.65 -38.93 19.39
N PHE B 113 -14.75 -38.54 18.13
CA PHE B 113 -14.91 -39.46 17.00
C PHE B 113 -13.55 -39.88 16.44
N GLU B 114 -13.19 -41.14 16.64
CA GLU B 114 -11.97 -41.70 16.08
C GLU B 114 -12.16 -41.93 14.58
N ARG B 115 -11.26 -41.36 13.77
CA ARG B 115 -11.38 -41.44 12.32
C ARG B 115 -10.30 -42.33 11.74
N ALA B 116 -10.72 -43.33 10.99
CA ALA B 116 -9.80 -44.27 10.35
C ALA B 116 -8.96 -43.54 9.30
N ASP B 117 -7.79 -44.09 9.02
CA ASP B 117 -6.89 -43.55 7.99
C ASP B 117 -7.43 -43.75 6.57
N GLY B 118 -7.05 -42.85 5.66
CA GLY B 118 -7.42 -42.95 4.25
C GLY B 118 -8.92 -42.81 4.01
N SER B 119 -9.58 -42.03 4.85
CA SER B 119 -11.03 -41.96 4.83
C SER B 119 -11.55 -40.67 4.22
N TYR B 120 -10.66 -39.82 3.70
CA TYR B 120 -11.08 -38.55 3.14
C TYR B 120 -10.39 -38.27 1.82
N ILE B 121 -11.16 -37.72 0.89
CA ILE B 121 -10.62 -37.30 -0.39
C ILE B 121 -10.73 -35.79 -0.52
N TYR B 122 -9.64 -35.17 -0.94
CA TYR B 122 -9.61 -33.76 -1.33
C TYR B 122 -9.47 -33.70 -2.82
N ILE B 123 -10.27 -32.84 -3.44
CA ILE B 123 -10.08 -32.53 -4.84
C ILE B 123 -9.98 -31.01 -4.97
N ALA B 124 -8.97 -30.58 -5.71
CA ALA B 124 -8.66 -29.16 -5.78
C ALA B 124 -7.79 -28.87 -7.00
N PRO B 125 -7.68 -27.59 -7.36
CA PRO B 125 -6.69 -27.19 -8.35
C PRO B 125 -5.29 -27.51 -7.86
N ASN B 126 -4.40 -27.94 -8.74
CA ASN B 126 -3.02 -28.22 -8.36
C ASN B 126 -2.22 -26.92 -8.40
N ASN B 127 -2.56 -26.02 -7.48
CA ASN B 127 -1.95 -24.70 -7.40
C ASN B 127 -1.42 -24.40 -6.01
N GLY B 128 -1.38 -25.42 -5.17
CA GLY B 128 -0.80 -25.31 -3.84
C GLY B 128 -1.82 -25.25 -2.73
N LEU B 129 -3.10 -25.17 -3.11
CA LEU B 129 -4.18 -25.02 -2.15
C LEU B 129 -4.12 -26.07 -1.03
N LEU B 130 -3.59 -27.25 -1.37
CA LEU B 130 -3.56 -28.36 -0.42
C LEU B 130 -2.23 -28.51 0.28
N THR B 131 -1.33 -27.56 0.11
CA THR B 131 -0.01 -27.66 0.68
C THR B 131 -0.08 -28.15 2.14
N THR B 132 -0.95 -27.54 2.94
CA THR B 132 -0.96 -27.79 4.38
C THR B 132 -1.82 -29.01 4.76
N VAL B 133 -2.79 -29.35 3.92
CA VAL B 133 -3.54 -30.58 4.10
C VAL B 133 -2.59 -31.76 4.05
N LEU B 134 -1.80 -31.82 2.97
CA LEU B 134 -0.87 -32.91 2.76
C LEU B 134 0.21 -32.95 3.83
N GLU B 135 0.59 -31.79 4.34
CA GLU B 135 1.64 -31.73 5.34
C GLU B 135 1.20 -32.25 6.71
N GLU B 136 -0.04 -31.96 7.10
CA GLU B 136 -0.52 -32.32 8.44
C GLU B 136 -1.22 -33.69 8.48
N HIS B 137 -1.70 -34.15 7.33
CA HIS B 137 -2.49 -35.39 7.25
C HIS B 137 -1.75 -36.46 6.44
N GLY B 138 -0.69 -36.05 5.74
CA GLY B 138 0.02 -36.92 4.83
C GLY B 138 -0.98 -37.38 3.79
N TYR B 139 -0.53 -38.13 2.78
CA TYR B 139 -1.44 -38.67 1.80
C TYR B 139 -0.94 -39.99 1.27
N ILE B 140 -1.74 -40.65 0.45
CA ILE B 140 -1.50 -42.03 0.07
C ILE B 140 -1.38 -42.23 -1.42
N GLU B 141 -2.34 -41.64 -2.13
CA GLU B 141 -2.37 -41.67 -3.59
C GLU B 141 -2.99 -40.36 -4.04
N ALA B 142 -2.31 -39.70 -4.97
CA ALA B 142 -2.79 -38.46 -5.54
C ALA B 142 -2.89 -38.64 -7.04
N TYR B 143 -3.97 -38.13 -7.63
CA TYR B 143 -4.23 -38.33 -9.05
C TYR B 143 -4.59 -37.03 -9.76
N GLU B 144 -4.20 -36.96 -11.02
CA GLU B 144 -4.55 -35.83 -11.87
C GLU B 144 -5.92 -36.10 -12.45
N VAL B 145 -6.78 -35.09 -12.44
CA VAL B 145 -8.17 -35.24 -12.89
C VAL B 145 -8.32 -34.85 -14.36
N THR B 146 -8.33 -35.85 -15.24
CA THR B 146 -8.36 -35.62 -16.68
C THR B 146 -9.45 -36.40 -17.42
N SER B 147 -10.02 -37.41 -16.77
CA SER B 147 -10.96 -38.27 -17.45
C SER B 147 -12.28 -37.55 -17.75
N THR B 148 -12.75 -37.71 -18.98
CA THR B 148 -14.01 -37.11 -19.40
C THR B 148 -15.21 -37.85 -18.81
N LYS B 149 -14.92 -38.80 -17.91
CA LYS B 149 -15.96 -39.48 -17.15
C LYS B 149 -16.29 -38.71 -15.87
N VAL B 150 -15.38 -37.83 -15.44
CA VAL B 150 -15.59 -37.03 -14.23
C VAL B 150 -15.43 -35.53 -14.45
N ILE B 151 -14.91 -35.13 -15.61
CA ILE B 151 -14.93 -33.71 -16.01
C ILE B 151 -15.51 -33.59 -17.42
N PRO B 152 -15.91 -32.37 -17.80
CA PRO B 152 -16.47 -32.07 -19.13
C PRO B 152 -15.45 -32.27 -20.24
N ALA B 153 -15.93 -32.66 -21.42
CA ALA B 153 -15.09 -32.78 -22.60
C ALA B 153 -14.73 -31.40 -23.16
N ASN B 154 -15.64 -30.43 -22.99
CA ASN B 154 -15.40 -29.04 -23.42
C ASN B 154 -15.70 -28.06 -22.29
N PRO B 155 -14.80 -28.00 -21.31
CA PRO B 155 -14.97 -27.20 -20.09
C PRO B 155 -15.09 -25.69 -20.39
N GLU B 156 -16.02 -25.04 -19.72
CA GLU B 156 -16.10 -23.58 -19.78
C GLU B 156 -14.78 -23.01 -19.22
N PRO B 157 -14.07 -22.19 -20.01
CA PRO B 157 -12.74 -21.68 -19.68
C PRO B 157 -12.63 -20.87 -18.39
N THR B 158 -13.66 -20.12 -18.02
CA THR B 158 -13.62 -19.28 -16.83
C THR B 158 -14.15 -19.99 -15.59
N PHE B 159 -14.69 -21.19 -15.76
CA PHE B 159 -15.39 -21.83 -14.64
C PHE B 159 -14.83 -23.18 -14.23
N TYR B 160 -13.50 -23.30 -14.14
CA TYR B 160 -12.88 -24.57 -13.76
C TYR B 160 -13.23 -25.02 -12.34
N SER B 161 -13.55 -24.08 -11.46
CA SER B 161 -14.02 -24.45 -10.13
C SER B 161 -15.22 -25.38 -10.24
N ARG B 162 -16.01 -25.19 -11.29
CA ARG B 162 -17.17 -26.03 -11.48
C ARG B 162 -16.78 -27.25 -12.32
N GLU B 163 -16.05 -26.99 -13.40
CA GLU B 163 -15.76 -28.03 -14.38
C GLU B 163 -14.77 -29.05 -13.83
N MET B 164 -13.81 -28.60 -13.03
CA MET B 164 -12.67 -29.43 -12.63
C MET B 164 -12.65 -29.73 -11.14
N VAL B 165 -13.61 -29.19 -10.40
CA VAL B 165 -13.67 -29.46 -8.97
C VAL B 165 -15.07 -29.95 -8.59
N ALA B 166 -16.09 -29.15 -8.85
CA ALA B 166 -17.44 -29.48 -8.40
C ALA B 166 -17.94 -30.77 -9.05
N ILE B 167 -17.86 -30.84 -10.37
CA ILE B 167 -18.39 -31.99 -11.08
C ILE B 167 -17.71 -33.29 -10.66
N PRO B 168 -16.38 -33.35 -10.78
CA PRO B 168 -15.66 -34.57 -10.35
C PRO B 168 -15.84 -34.90 -8.87
N SER B 169 -15.89 -33.90 -8.00
CA SER B 169 -16.13 -34.16 -6.58
C SER B 169 -17.41 -34.99 -6.41
N ALA B 170 -18.40 -34.76 -7.27
CA ALA B 170 -19.68 -35.44 -7.16
C ALA B 170 -19.57 -36.91 -7.59
N HIS B 171 -18.89 -37.18 -8.70
CA HIS B 171 -18.65 -38.57 -9.13
C HIS B 171 -17.92 -39.36 -8.05
N LEU B 172 -16.93 -38.72 -7.43
CA LEU B 172 -16.16 -39.33 -6.36
C LEU B 172 -17.08 -39.66 -5.19
N ALA B 173 -17.95 -38.71 -4.85
CA ALA B 173 -18.90 -38.91 -3.78
C ALA B 173 -19.87 -40.06 -4.10
N ALA B 174 -20.15 -40.26 -5.39
CA ALA B 174 -21.05 -41.32 -5.84
C ALA B 174 -20.35 -42.68 -5.87
N GLY B 175 -19.04 -42.70 -5.63
CA GLY B 175 -18.32 -43.95 -5.51
C GLY B 175 -17.44 -44.22 -6.72
N PHE B 176 -17.47 -43.31 -7.69
CA PHE B 176 -16.56 -43.40 -8.82
C PHE B 176 -15.14 -43.60 -8.27
N PRO B 177 -14.35 -44.51 -8.87
CA PRO B 177 -12.97 -44.83 -8.44
C PRO B 177 -11.99 -43.67 -8.56
N LEU B 178 -11.24 -43.42 -7.49
CA LEU B 178 -10.26 -42.34 -7.46
C LEU B 178 -9.13 -42.56 -8.47
N ALA B 179 -8.70 -43.81 -8.60
CA ALA B 179 -7.56 -44.13 -9.47
C ALA B 179 -7.89 -43.98 -10.95
N GLU B 180 -9.17 -43.82 -11.26
CA GLU B 180 -9.59 -43.72 -12.66
C GLU B 180 -9.81 -42.29 -13.13
N VAL B 181 -9.61 -41.31 -12.25
CA VAL B 181 -9.84 -39.91 -12.62
C VAL B 181 -8.76 -39.45 -13.59
N GLY B 182 -7.66 -40.18 -13.62
CA GLY B 182 -6.52 -39.84 -14.45
C GLY B 182 -5.24 -40.48 -13.92
N ARG B 183 -4.11 -39.98 -14.39
CA ARG B 183 -2.83 -40.58 -14.06
C ARG B 183 -2.44 -40.26 -12.63
N ARG B 184 -1.63 -41.13 -12.04
CA ARG B 184 -1.16 -40.95 -10.69
C ARG B 184 0.00 -39.97 -10.67
N LEU B 185 0.02 -39.12 -9.66
CA LEU B 185 1.05 -38.09 -9.53
C LEU B 185 2.15 -38.52 -8.57
N ASP B 186 3.30 -37.87 -8.71
CA ASP B 186 4.38 -38.02 -7.76
C ASP B 186 4.40 -36.78 -6.91
N ASP B 187 5.05 -36.86 -5.74
CA ASP B 187 5.08 -35.73 -4.83
C ASP B 187 5.57 -34.46 -5.51
N SER B 188 6.54 -34.61 -6.41
CA SER B 188 7.16 -33.46 -7.07
C SER B 188 6.22 -32.78 -8.06
N GLU B 189 5.11 -33.45 -8.38
CA GLU B 189 4.12 -32.95 -9.34
C GLU B 189 2.99 -32.25 -8.62
N ILE B 190 2.99 -32.31 -7.31
CA ILE B 190 1.98 -31.62 -6.54
C ILE B 190 2.54 -30.26 -6.15
N VAL B 191 1.96 -29.21 -6.71
CA VAL B 191 2.40 -27.86 -6.44
C VAL B 191 2.16 -27.53 -4.98
N ARG B 192 3.14 -26.89 -4.37
CA ARG B 192 3.06 -26.52 -2.96
C ARG B 192 3.50 -25.07 -2.78
N PHE B 193 3.08 -24.46 -1.67
CA PHE B 193 3.56 -23.13 -1.34
C PHE B 193 4.37 -23.18 -0.05
N HIS B 194 5.05 -22.09 0.26
CA HIS B 194 5.88 -22.00 1.46
C HIS B 194 5.18 -21.20 2.53
N ARG B 195 5.03 -21.78 3.72
CA ARG B 195 4.43 -21.05 4.81
C ARG B 195 5.34 -19.90 5.18
N PRO B 196 4.76 -18.80 5.65
CA PRO B 196 5.59 -17.75 6.23
C PRO B 196 6.35 -18.33 7.41
N ALA B 197 7.64 -18.03 7.51
CA ALA B 197 8.47 -18.65 8.54
C ALA B 197 8.32 -17.96 9.90
N VAL B 198 8.76 -18.66 10.94
CA VAL B 198 8.81 -18.11 12.28
C VAL B 198 10.28 -18.05 12.67
N GLU B 199 10.79 -16.84 12.95
CA GLU B 199 12.22 -16.67 13.21
C GLU B 199 12.46 -16.53 14.71
N ILE B 200 13.66 -16.87 15.14
CA ILE B 200 13.96 -16.97 16.57
C ILE B 200 15.36 -16.46 16.88
N ALA B 204 12.54 -14.52 22.15
CA ALA B 204 12.09 -13.65 21.05
C ALA B 204 11.68 -14.45 19.82
N LEU B 205 10.46 -14.24 19.34
CA LEU B 205 9.96 -14.89 18.13
C LEU B 205 9.39 -13.85 17.19
N SER B 206 9.66 -14.01 15.90
CA SER B 206 9.09 -13.14 14.91
C SER B 206 8.28 -13.95 13.93
N GLY B 207 7.08 -13.47 13.67
CA GLY B 207 6.20 -14.10 12.72
C GLY B 207 5.34 -13.02 12.10
N VAL B 208 4.13 -13.41 11.74
CA VAL B 208 3.26 -12.56 10.98
C VAL B 208 1.80 -12.84 11.35
N VAL B 209 0.93 -11.87 11.10
CA VAL B 209 -0.49 -12.10 11.20
C VAL B 209 -0.96 -12.84 9.96
N THR B 210 -1.64 -13.97 10.16
CA THR B 210 -2.08 -14.82 9.05
C THR B 210 -3.52 -14.47 8.67
N ALA B 211 -4.31 -14.05 9.65
CA ALA B 211 -5.71 -13.79 9.40
C ALA B 211 -6.34 -12.94 10.49
N ILE B 212 -7.36 -12.18 10.10
CA ILE B 212 -8.25 -11.51 11.05
C ILE B 212 -9.52 -12.37 11.14
N ASP B 213 -9.85 -12.84 12.35
CA ASP B 213 -11.01 -13.73 12.53
C ASP B 213 -12.30 -12.94 12.66
N HIS B 214 -13.04 -12.85 11.57
CA HIS B 214 -14.31 -12.13 11.57
C HIS B 214 -15.40 -13.03 12.13
N PRO B 215 -16.43 -12.40 12.73
CA PRO B 215 -16.58 -10.94 12.87
C PRO B 215 -16.05 -10.39 14.19
N PHE B 216 -15.24 -11.18 14.90
CA PHE B 216 -14.86 -10.83 16.27
C PHE B 216 -13.69 -9.86 16.33
N GLY B 217 -12.94 -9.79 15.24
CA GLY B 217 -11.75 -8.97 15.22
C GLY B 217 -10.58 -9.59 15.97
N ASN B 218 -10.55 -10.91 16.07
CA ASN B 218 -9.40 -11.59 16.67
C ASN B 218 -8.29 -11.68 15.65
N ILE B 219 -7.06 -11.85 16.13
CA ILE B 219 -5.89 -11.79 15.27
C ILE B 219 -5.09 -13.07 15.42
N TRP B 220 -4.99 -13.79 14.30
CA TRP B 220 -4.25 -15.03 14.25
C TRP B 220 -2.83 -14.79 13.75
N THR B 221 -1.87 -15.52 14.30
CA THR B 221 -0.51 -15.46 13.84
C THR B 221 -0.11 -16.80 13.30
N ASN B 222 1.04 -16.86 12.64
CA ASN B 222 1.59 -18.11 12.11
C ASN B 222 2.40 -18.83 13.18
N ILE B 223 2.46 -18.23 14.37
CA ILE B 223 3.25 -18.79 15.45
C ILE B 223 2.51 -19.93 16.16
N HIS B 224 3.10 -21.12 16.06
CA HIS B 224 2.43 -22.32 16.52
C HIS B 224 2.76 -22.67 17.98
N ARG B 225 1.91 -23.48 18.58
CA ARG B 225 2.07 -23.90 19.97
C ARG B 225 3.47 -24.46 20.21
N THR B 226 3.99 -25.12 19.19
CA THR B 226 5.27 -25.80 19.29
C THR B 226 6.44 -24.82 19.29
N ASP B 227 6.30 -23.72 18.54
CA ASP B 227 7.28 -22.65 18.58
C ASP B 227 7.33 -22.03 19.98
N LEU B 228 6.16 -21.93 20.61
CA LEU B 228 6.05 -21.40 21.97
C LEU B 228 6.76 -22.29 22.98
N GLU B 229 6.30 -23.54 23.08
CA GLU B 229 6.83 -24.46 24.07
C GLU B 229 8.31 -24.74 23.81
N LYS B 230 8.76 -24.36 22.62
CA LYS B 230 10.16 -24.51 22.24
C LYS B 230 10.98 -23.30 22.69
N ALA B 231 10.30 -22.22 23.02
CA ALA B 231 10.95 -21.04 23.56
C ALA B 231 10.66 -20.90 25.06
N GLY B 232 10.17 -21.98 25.68
CA GLY B 232 9.92 -21.99 27.11
C GLY B 232 8.75 -21.12 27.51
N ILE B 233 7.76 -21.03 26.64
CA ILE B 233 6.60 -20.19 26.90
C ILE B 233 5.37 -21.05 27.14
N GLY B 234 4.84 -20.97 28.36
CA GLY B 234 3.69 -21.77 28.72
C GLY B 234 2.53 -20.93 29.21
N GLN B 235 1.49 -21.63 29.62
CA GLN B 235 0.28 -21.01 30.14
C GLN B 235 0.55 -20.03 31.30
N GLY B 236 -0.22 -18.96 31.32
CA GLY B 236 -0.24 -18.04 32.44
C GLY B 236 0.94 -17.09 32.46
N LYS B 237 1.74 -17.13 31.40
CA LYS B 237 2.96 -16.32 31.35
C LYS B 237 2.86 -15.03 30.55
N HIS B 238 3.61 -14.03 31.00
CA HIS B 238 3.54 -12.69 30.46
C HIS B 238 4.30 -12.58 29.14
N LEU B 239 3.63 -12.04 28.12
CA LEU B 239 4.28 -11.79 26.84
C LEU B 239 4.09 -10.33 26.48
N LYS B 240 5.03 -9.81 25.68
CA LYS B 240 4.82 -8.56 24.97
C LYS B 240 4.73 -8.88 23.50
N ILE B 241 3.64 -8.47 22.87
CA ILE B 241 3.50 -8.68 21.44
C ILE B 241 3.44 -7.35 20.71
N ILE B 242 4.27 -7.23 19.68
CA ILE B 242 4.30 -6.01 18.88
C ILE B 242 3.89 -6.30 17.45
N LEU B 243 2.92 -5.54 16.96
CA LEU B 243 2.46 -5.68 15.58
C LEU B 243 2.98 -4.54 14.72
N ASP B 244 3.49 -4.88 13.54
CA ASP B 244 3.85 -3.88 12.56
C ASP B 244 4.99 -3.02 13.07
N ASP B 245 5.78 -3.58 13.99
CA ASP B 245 6.99 -2.92 14.46
C ASP B 245 6.78 -1.71 15.37
N VAL B 246 5.55 -1.50 15.84
CA VAL B 246 5.27 -0.31 16.64
C VAL B 246 4.08 -0.44 17.60
N LEU B 247 3.04 -1.18 17.24
CA LEU B 247 1.85 -1.30 18.08
C LEU B 247 2.00 -2.41 19.13
N PRO B 248 2.19 -2.04 20.40
CA PRO B 248 2.50 -3.00 21.47
C PRO B 248 1.29 -3.44 22.32
N PHE B 249 1.35 -4.68 22.76
CA PHE B 249 0.34 -5.25 23.65
C PHE B 249 1.04 -6.16 24.65
N GLU B 250 0.54 -6.16 25.88
CA GLU B 250 1.09 -6.98 26.95
C GLU B 250 -0.02 -7.73 27.66
N ALA B 251 0.23 -9.01 27.94
CA ALA B 251 -0.74 -9.85 28.64
C ALA B 251 -0.13 -11.22 28.89
N PRO B 252 -0.73 -11.97 29.83
CA PRO B 252 -0.33 -13.35 30.05
C PRO B 252 -0.98 -14.28 29.03
N LEU B 253 -0.36 -15.41 28.75
CA LEU B 253 -0.93 -16.42 27.86
C LEU B 253 -2.00 -17.18 28.64
N THR B 254 -3.23 -17.09 28.17
CA THR B 254 -4.36 -17.76 28.82
C THR B 254 -5.13 -18.59 27.81
N PRO B 255 -5.92 -19.57 28.31
CA PRO B 255 -6.73 -20.43 27.43
C PRO B 255 -7.91 -19.74 26.71
N THR B 256 -8.58 -18.77 27.32
CA THR B 256 -9.75 -18.16 26.69
C THR B 256 -9.91 -16.65 26.88
N PHE B 257 -10.87 -16.04 26.18
CA PHE B 257 -11.00 -14.58 26.13
C PHE B 257 -11.34 -13.97 27.49
N ALA B 258 -12.25 -14.61 28.22
CA ALA B 258 -12.70 -14.09 29.51
C ALA B 258 -11.57 -14.00 30.52
N ASP B 259 -10.50 -14.76 30.29
CA ASP B 259 -9.38 -14.77 31.22
C ASP B 259 -8.64 -13.44 31.21
N ALA B 260 -9.03 -12.54 30.31
CA ALA B 260 -8.46 -11.20 30.27
C ALA B 260 -9.09 -10.32 31.34
N GLY B 261 -10.16 -10.83 31.96
CA GLY B 261 -10.85 -10.12 33.02
C GLY B 261 -11.99 -9.28 32.48
N ALA B 262 -11.79 -7.97 32.49
CA ALA B 262 -12.83 -7.03 32.09
C ALA B 262 -13.03 -7.05 30.58
N ILE B 263 -14.28 -6.80 30.18
CA ILE B 263 -14.63 -6.63 28.78
C ILE B 263 -13.78 -5.53 28.18
N GLY B 264 -13.22 -5.81 27.02
CA GLY B 264 -12.35 -4.88 26.31
C GLY B 264 -10.89 -5.20 26.53
N ASN B 265 -10.58 -5.91 27.62
CA ASN B 265 -9.19 -6.20 27.96
C ASN B 265 -8.53 -7.09 26.92
N ILE B 266 -7.21 -7.00 26.83
CA ILE B 266 -6.44 -7.77 25.87
C ILE B 266 -6.20 -9.21 26.31
N ALA B 267 -6.32 -10.14 25.36
CA ALA B 267 -6.05 -11.56 25.63
C ALA B 267 -5.09 -12.15 24.61
N PHE B 268 -4.10 -12.90 25.10
CA PHE B 268 -3.25 -13.74 24.27
C PHE B 268 -3.63 -15.19 24.53
N TYR B 269 -3.89 -15.93 23.47
CA TYR B 269 -4.34 -17.31 23.61
C TYR B 269 -3.88 -18.17 22.43
N LEU B 270 -4.11 -19.47 22.53
CA LEU B 270 -3.93 -20.36 21.40
C LEU B 270 -5.30 -20.69 20.86
N ASN B 271 -5.54 -20.38 19.59
CA ASN B 271 -6.82 -20.69 18.99
C ASN B 271 -7.02 -22.20 18.84
N SER B 272 -8.19 -22.58 18.33
CA SER B 272 -8.57 -23.98 18.15
C SER B 272 -7.64 -24.73 17.20
N ARG B 273 -6.78 -24.00 16.48
CA ARG B 273 -5.91 -24.59 15.46
C ARG B 273 -4.47 -24.71 15.94
N GLY B 274 -4.18 -24.17 17.13
CA GLY B 274 -2.87 -24.28 17.73
C GLY B 274 -1.98 -23.07 17.57
N TYR B 275 -2.54 -21.94 17.12
CA TYR B 275 -1.72 -20.76 16.86
C TYR B 275 -1.97 -19.62 17.83
N LEU B 276 -0.87 -19.00 18.24
CA LEU B 276 -0.91 -17.85 19.13
C LEU B 276 -1.80 -16.80 18.51
N SER B 277 -2.69 -16.23 19.32
CA SER B 277 -3.65 -15.25 18.81
C SER B 277 -3.87 -14.10 19.82
N LEU B 278 -4.35 -12.97 19.31
CA LEU B 278 -4.63 -11.80 20.15
C LEU B 278 -6.08 -11.40 19.99
N ALA B 279 -6.68 -10.88 21.06
CA ALA B 279 -8.06 -10.48 20.99
C ALA B 279 -8.38 -9.56 22.15
N ARG B 280 -9.50 -8.87 22.07
CA ARG B 280 -10.07 -8.22 23.24
C ARG B 280 -11.24 -9.06 23.72
N ASN B 281 -11.53 -8.97 25.01
CA ASN B 281 -12.62 -9.78 25.58
C ASN B 281 -14.00 -9.19 25.28
N ALA B 282 -14.85 -9.98 24.62
CA ALA B 282 -16.14 -9.52 24.09
C ALA B 282 -16.03 -8.11 23.53
N ALA B 283 -15.00 -7.90 22.70
CA ALA B 283 -14.82 -6.66 21.96
C ALA B 283 -13.82 -6.93 20.86
N SER B 284 -13.81 -6.11 19.82
CA SER B 284 -12.95 -6.35 18.69
C SER B 284 -11.62 -5.62 18.80
N LEU B 285 -10.54 -6.34 18.54
CA LEU B 285 -9.20 -5.76 18.59
C LEU B 285 -8.78 -5.20 17.24
N ALA B 286 -9.05 -5.94 16.17
CA ALA B 286 -8.54 -5.58 14.86
C ALA B 286 -9.13 -4.27 14.32
N TYR B 287 -10.44 -4.12 14.39
CA TYR B 287 -11.10 -3.07 13.64
C TYR B 287 -10.73 -1.67 14.12
N PRO B 288 -10.78 -1.43 15.43
CA PRO B 288 -10.43 -0.10 15.97
C PRO B 288 -9.04 0.40 15.55
N TYR B 289 -8.07 -0.50 15.38
CA TYR B 289 -6.70 -0.10 14.99
C TYR B 289 -6.43 -0.40 13.53
N ASN B 290 -7.49 -0.75 12.80
CA ASN B 290 -7.40 -1.17 11.40
C ASN B 290 -6.29 -2.19 11.14
N LEU B 291 -6.27 -3.26 11.92
CA LEU B 291 -5.24 -4.28 11.77
C LEU B 291 -5.64 -5.33 10.73
N LYS B 292 -4.71 -5.66 9.85
CA LYS B 292 -5.00 -6.62 8.78
C LYS B 292 -3.94 -7.73 8.68
N ALA B 293 -4.31 -8.83 8.04
CA ALA B 293 -3.37 -9.90 7.79
C ALA B 293 -2.14 -9.32 7.08
N GLY B 294 -0.97 -9.84 7.40
CA GLY B 294 0.24 -9.42 6.72
C GLY B 294 1.22 -8.67 7.62
N LEU B 295 0.70 -8.13 8.73
CA LEU B 295 1.56 -7.35 9.63
C LEU B 295 2.57 -8.25 10.34
N LYS B 296 3.78 -7.73 10.50
CA LYS B 296 4.82 -8.40 11.27
C LYS B 296 4.33 -8.58 12.71
N VAL B 297 4.73 -9.68 13.33
CA VAL B 297 4.44 -9.93 14.73
C VAL B 297 5.74 -10.19 15.45
N ARG B 298 6.01 -9.45 16.52
CA ARG B 298 7.17 -9.75 17.35
C ARG B 298 6.70 -10.11 18.75
N VAL B 299 7.05 -11.31 19.20
CA VAL B 299 6.74 -11.75 20.55
C VAL B 299 8.01 -11.84 21.37
N GLU B 300 8.05 -11.11 22.48
CA GLU B 300 9.19 -11.19 23.38
C GLU B 300 8.74 -11.49 24.80
N ALA B 301 9.49 -12.34 25.49
CA ALA B 301 9.21 -12.68 26.88
C ALA B 301 10.31 -12.10 27.78
#